data_4B79
#
_entry.id   4B79
#
_cell.length_a   103.910
_cell.length_b   103.910
_cell.length_c   205.520
_cell.angle_alpha   90.00
_cell.angle_beta   90.00
_cell.angle_gamma   120.00
#
_symmetry.space_group_name_H-M   'P 64 2 2'
#
loop_
_entity.id
_entity.type
_entity.pdbx_description
1 polymer 'PROBABLE SHORT-CHAIN DEHYDROGENASE'
2 non-polymer NICOTINAMIDE-ADENINE-DINUCLEOTIDE
3 water water
#
_entity_poly.entity_id   1
_entity_poly.type   'polypeptide(L)'
_entity_poly.pdbx_seq_one_letter_code
;GMVFQHDIYAGQQVLVTGGSSGIGAAIAMQFAELGAEVVALGLDADGVHAPRHPRIRREELDITDSQRLQRLFEALPRLD
VLVNNAGISRDREEYDLATFERVLRLNLSAAMLASQLARPLLAQRGGSILNIASMYSTFGSADRPAYSASKGAIVQLTRS
LACEYAAERIRVNAIAPGWIDTPLGAGLKADVEATRRIMQRTPLARWGEAPEVASAAAFLCGPGASFVTGAVLAVDGGYL
CA
;
_entity_poly.pdbx_strand_id   A,B
#
# COMPACT_ATOMS: atom_id res chain seq x y z
N MET A 2 -17.03 5.28 -1.15
CA MET A 2 -16.98 6.67 -1.70
C MET A 2 -15.57 7.09 -2.13
N VAL A 3 -14.74 6.13 -2.55
CA VAL A 3 -13.39 6.44 -3.05
C VAL A 3 -13.22 6.07 -4.53
N PHE A 4 -13.69 4.88 -4.90
CA PHE A 4 -13.46 4.30 -6.22
C PHE A 4 -14.62 4.52 -7.18
N GLN A 5 -14.33 4.62 -8.47
CA GLN A 5 -15.37 4.69 -9.50
C GLN A 5 -16.12 3.38 -9.58
N HIS A 6 -17.43 3.45 -9.84
CA HIS A 6 -18.36 2.31 -9.69
C HIS A 6 -18.10 1.11 -10.56
N ASP A 7 -17.41 1.29 -11.67
CA ASP A 7 -17.30 0.28 -12.71
C ASP A 7 -15.86 -0.18 -12.93
N ILE A 8 -14.97 0.14 -12.00
CA ILE A 8 -13.55 -0.19 -12.19
C ILE A 8 -13.39 -1.65 -12.56
N TYR A 9 -14.21 -2.50 -11.97
CA TYR A 9 -14.12 -3.92 -12.23
C TYR A 9 -15.29 -4.48 -13.04
N ALA A 10 -16.05 -3.62 -13.71
CA ALA A 10 -17.17 -4.08 -14.55
C ALA A 10 -16.64 -5.04 -15.61
N GLY A 11 -17.33 -6.17 -15.78
CA GLY A 11 -16.94 -7.15 -16.79
C GLY A 11 -15.82 -8.09 -16.36
N GLN A 12 -15.35 -7.94 -15.13
CA GLN A 12 -14.25 -8.77 -14.63
C GLN A 12 -14.76 -9.87 -13.68
N GLN A 13 -13.95 -10.90 -13.53
CA GLN A 13 -14.27 -12.02 -12.66
C GLN A 13 -13.23 -12.09 -11.53
N VAL A 14 -13.71 -12.14 -10.29
CA VAL A 14 -12.87 -12.22 -9.10
C VAL A 14 -13.22 -13.51 -8.34
N LEU A 15 -12.22 -14.14 -7.75
CA LEU A 15 -12.44 -15.31 -6.91
C LEU A 15 -11.74 -15.05 -5.59
N VAL A 16 -12.49 -15.18 -4.51
CA VAL A 16 -11.98 -14.93 -3.17
C VAL A 16 -12.08 -16.22 -2.36
N THR A 17 -10.95 -16.75 -1.91
CA THR A 17 -10.97 -17.92 -1.05
C THR A 17 -11.21 -17.41 0.37
N GLY A 18 -11.89 -18.20 1.18
CA GLY A 18 -12.30 -17.71 2.49
C GLY A 18 -13.28 -16.55 2.35
N GLY A 19 -14.11 -16.61 1.31
CA GLY A 19 -15.04 -15.54 1.05
C GLY A 19 -16.31 -15.60 1.88
N SER A 20 -16.42 -16.59 2.78
CA SER A 20 -17.70 -16.88 3.45
C SER A 20 -17.82 -16.21 4.81
N SER A 21 -16.77 -15.52 5.26
CA SER A 21 -16.88 -14.67 6.45
C SER A 21 -15.76 -13.66 6.52
N GLY A 22 -15.84 -12.79 7.51
CA GLY A 22 -14.78 -11.85 7.85
C GLY A 22 -14.22 -11.04 6.69
N ILE A 23 -12.89 -11.02 6.59
CA ILE A 23 -12.20 -10.18 5.62
C ILE A 23 -12.54 -10.60 4.19
N GLY A 24 -12.56 -11.91 3.95
CA GLY A 24 -12.88 -12.44 2.64
C GLY A 24 -14.26 -12.00 2.17
N ALA A 25 -15.24 -12.04 3.08
CA ALA A 25 -16.60 -11.58 2.75
C ALA A 25 -16.59 -10.11 2.36
N ALA A 26 -15.86 -9.28 3.10
CA ALA A 26 -15.78 -7.83 2.84
C ALA A 26 -15.04 -7.53 1.54
N ILE A 27 -13.99 -8.30 1.27
CA ILE A 27 -13.32 -8.19 -0.01
C ILE A 27 -14.24 -8.56 -1.16
N ALA A 28 -14.95 -9.67 -1.05
CA ALA A 28 -15.91 -10.09 -2.08
C ALA A 28 -16.97 -9.01 -2.33
N MET A 29 -17.50 -8.44 -1.27
CA MET A 29 -18.49 -7.37 -1.36
C MET A 29 -17.91 -6.12 -2.04
N GLN A 30 -16.68 -5.77 -1.72
CA GLN A 30 -16.01 -4.58 -2.28
C GLN A 30 -15.81 -4.71 -3.79
N PHE A 31 -15.33 -5.86 -4.25
CA PHE A 31 -15.22 -6.11 -5.69
C PHE A 31 -16.59 -6.15 -6.39
N ALA A 32 -17.57 -6.82 -5.78
CA ALA A 32 -18.94 -6.85 -6.33
C ALA A 32 -19.50 -5.43 -6.47
N GLU A 33 -19.26 -4.59 -5.47
CA GLU A 33 -19.67 -3.17 -5.48
C GLU A 33 -19.14 -2.41 -6.66
N LEU A 34 -17.95 -2.77 -7.06
CA LEU A 34 -17.24 -2.06 -8.10
C LEU A 34 -17.42 -2.73 -9.47
N GLY A 35 -18.42 -3.60 -9.57
CA GLY A 35 -18.87 -4.12 -10.87
C GLY A 35 -18.45 -5.53 -11.21
N ALA A 36 -17.63 -6.15 -10.39
CA ALA A 36 -17.13 -7.47 -10.69
C ALA A 36 -18.15 -8.55 -10.40
N GLU A 37 -18.08 -9.62 -11.17
CA GLU A 37 -18.68 -10.89 -10.76
C GLU A 37 -17.66 -11.55 -9.83
N VAL A 38 -18.13 -12.09 -8.71
CA VAL A 38 -17.25 -12.64 -7.68
C VAL A 38 -17.70 -14.05 -7.29
N VAL A 39 -16.75 -14.96 -7.21
CA VAL A 39 -16.99 -16.25 -6.58
C VAL A 39 -16.40 -16.19 -5.17
N ALA A 40 -17.25 -16.35 -4.18
CA ALA A 40 -16.84 -16.43 -2.78
C ALA A 40 -16.81 -17.90 -2.34
N LEU A 41 -15.61 -18.46 -2.29
CA LEU A 41 -15.36 -19.85 -1.89
C LEU A 41 -15.04 -19.94 -0.41
N GLY A 42 -15.65 -20.89 0.27
CA GLY A 42 -15.30 -21.13 1.67
C GLY A 42 -16.11 -22.24 2.30
N LEU A 43 -15.96 -22.40 3.60
CA LEU A 43 -16.76 -23.35 4.37
C LEU A 43 -17.98 -22.60 4.89
N ASP A 44 -19.07 -23.32 5.08
CA ASP A 44 -20.33 -22.76 5.55
C ASP A 44 -20.71 -21.58 4.66
N ALA A 45 -20.75 -21.87 3.37
CA ALA A 45 -20.86 -20.84 2.32
C ALA A 45 -22.14 -20.04 2.38
N ASP A 46 -23.17 -20.57 3.03
CA ASP A 46 -24.44 -19.86 3.17
C ASP A 46 -24.71 -19.41 4.60
N GLY A 47 -23.70 -19.44 5.45
CA GLY A 47 -23.84 -19.03 6.86
C GLY A 47 -24.15 -17.55 7.05
N VAL A 48 -24.41 -17.18 8.30
CA VAL A 48 -24.79 -15.81 8.67
C VAL A 48 -23.79 -14.75 8.20
N HIS A 49 -22.50 -15.07 8.17
CA HIS A 49 -21.47 -14.09 7.83
C HIS A 49 -21.12 -14.03 6.36
N ALA A 50 -21.77 -14.86 5.54
CA ALA A 50 -21.45 -14.95 4.11
C ALA A 50 -22.01 -13.75 3.36
N PRO A 51 -21.28 -13.25 2.35
CA PRO A 51 -21.72 -12.03 1.68
C PRO A 51 -22.87 -12.29 0.70
N ARG A 52 -23.95 -11.53 0.88
CA ARG A 52 -25.11 -11.57 -0.01
C ARG A 52 -25.08 -10.42 -1.01
N HIS A 53 -25.13 -10.75 -2.30
CA HIS A 53 -25.13 -9.75 -3.38
C HIS A 53 -25.49 -10.48 -4.64
N PRO A 54 -26.27 -9.86 -5.54
CA PRO A 54 -26.53 -10.56 -6.81
C PRO A 54 -25.30 -10.92 -7.67
N ARG A 55 -24.17 -10.22 -7.53
CA ARG A 55 -22.97 -10.54 -8.33
C ARG A 55 -21.98 -11.46 -7.60
N ILE A 56 -22.34 -11.92 -6.40
CA ILE A 56 -21.49 -12.82 -5.64
C ILE A 56 -22.11 -14.21 -5.62
N ARG A 57 -21.42 -15.16 -6.24
CA ARG A 57 -21.82 -16.56 -6.12
C ARG A 57 -21.10 -17.20 -4.95
N ARG A 58 -21.86 -17.75 -4.01
CA ARG A 58 -21.33 -18.38 -2.82
C ARG A 58 -21.16 -19.87 -3.09
N GLU A 59 -19.96 -20.39 -2.85
CA GLU A 59 -19.66 -21.77 -3.15
C GLU A 59 -19.02 -22.47 -1.96
N GLU A 60 -19.63 -23.57 -1.53
CA GLU A 60 -19.07 -24.41 -0.47
C GLU A 60 -17.93 -25.25 -1.04
N LEU A 61 -16.73 -25.03 -0.54
CA LEU A 61 -15.58 -25.76 -1.04
C LEU A 61 -14.43 -25.70 -0.07
N ASP A 62 -13.98 -26.88 0.36
CA ASP A 62 -12.75 -27.02 1.12
C ASP A 62 -11.61 -26.99 0.11
N ILE A 63 -10.82 -25.91 0.13
CA ILE A 63 -9.80 -25.69 -0.90
C ILE A 63 -8.55 -26.58 -0.75
N THR A 64 -8.50 -27.38 0.32
CA THR A 64 -7.48 -28.41 0.46
C THR A 64 -7.85 -29.65 -0.38
N ASP A 65 -9.09 -29.73 -0.83
CA ASP A 65 -9.50 -30.75 -1.82
C ASP A 65 -9.02 -30.31 -3.20
N SER A 66 -7.79 -30.71 -3.53
CA SER A 66 -7.09 -30.28 -4.73
C SER A 66 -7.84 -30.56 -6.03
N GLN A 67 -8.43 -31.74 -6.15
CA GLN A 67 -9.10 -32.13 -7.39
C GLN A 67 -10.35 -31.27 -7.59
N ARG A 68 -11.09 -31.06 -6.50
CA ARG A 68 -12.32 -30.26 -6.54
C ARG A 68 -12.00 -28.80 -6.89
N LEU A 69 -10.93 -28.28 -6.32
CA LEU A 69 -10.51 -26.91 -6.62
C LEU A 69 -10.14 -26.78 -8.09
N GLN A 70 -9.38 -27.74 -8.60
CA GLN A 70 -9.00 -27.73 -10.01
C GLN A 70 -10.23 -27.72 -10.92
N ARG A 71 -11.22 -28.56 -10.64
CA ARG A 71 -12.45 -28.59 -11.45
C ARG A 71 -13.14 -27.24 -11.45
N LEU A 72 -13.17 -26.57 -10.30
CA LEU A 72 -13.82 -25.28 -10.20
C LEU A 72 -13.12 -24.28 -11.11
N PHE A 73 -11.80 -24.24 -11.04
CA PHE A 73 -11.03 -23.31 -11.87
C PHE A 73 -11.17 -23.63 -13.37
N GLU A 74 -11.17 -24.90 -13.72
CA GLU A 74 -11.38 -25.30 -15.11
C GLU A 74 -12.73 -24.90 -15.66
N ALA A 75 -13.76 -24.87 -14.81
CA ALA A 75 -15.09 -24.40 -15.21
C ALA A 75 -15.19 -22.88 -15.45
N LEU A 76 -14.22 -22.10 -14.95
CA LEU A 76 -14.28 -20.65 -15.10
C LEU A 76 -13.93 -20.23 -16.52
N PRO A 77 -14.79 -19.41 -17.15
CA PRO A 77 -14.49 -18.95 -18.50
C PRO A 77 -13.47 -17.82 -18.50
N ARG A 78 -13.31 -17.19 -17.35
CA ARG A 78 -12.51 -15.98 -17.24
C ARG A 78 -12.12 -15.75 -15.76
N LEU A 79 -10.94 -15.21 -15.51
CA LEU A 79 -10.56 -14.76 -14.16
C LEU A 79 -9.58 -13.63 -14.27
N ASP A 80 -9.89 -12.54 -13.56
CA ASP A 80 -9.05 -11.35 -13.57
C ASP A 80 -8.30 -11.12 -12.26
N VAL A 81 -8.91 -11.52 -11.14
CA VAL A 81 -8.31 -11.32 -9.82
C VAL A 81 -8.53 -12.56 -8.95
N LEU A 82 -7.46 -13.03 -8.33
CA LEU A 82 -7.52 -14.07 -7.31
C LEU A 82 -7.14 -13.48 -5.97
N VAL A 83 -7.96 -13.70 -4.96
CA VAL A 83 -7.63 -13.29 -3.59
C VAL A 83 -7.48 -14.56 -2.75
N ASN A 84 -6.27 -14.83 -2.31
CA ASN A 84 -5.99 -15.95 -1.44
C ASN A 84 -6.14 -15.49 -0.01
N ASN A 85 -7.36 -15.52 0.49
CA ASN A 85 -7.66 -14.98 1.83
C ASN A 85 -7.87 -16.06 2.87
N ALA A 86 -8.26 -17.26 2.44
CA ALA A 86 -8.51 -18.35 3.39
C ALA A 86 -7.27 -18.52 4.25
N GLY A 87 -7.50 -18.56 5.56
CA GLY A 87 -6.44 -18.80 6.53
C GLY A 87 -7.08 -19.28 7.81
N ILE A 88 -6.36 -20.13 8.54
CA ILE A 88 -6.79 -20.59 9.86
C ILE A 88 -5.62 -20.56 10.85
N SER A 89 -5.98 -20.65 12.13
CA SER A 89 -5.02 -20.88 13.19
C SER A 89 -5.66 -21.84 14.19
N ARG A 90 -4.84 -22.69 14.80
CA ARG A 90 -5.32 -23.56 15.87
C ARG A 90 -4.56 -23.28 17.15
N ASP A 91 -4.02 -22.06 17.25
CA ASP A 91 -3.32 -21.61 18.46
C ASP A 91 -2.32 -22.67 18.94
N ARG A 92 -2.31 -22.96 20.24
CA ARG A 92 -1.23 -23.78 20.78
C ARG A 92 -1.29 -25.26 20.35
N GLU A 93 -2.40 -25.70 19.78
CA GLU A 93 -2.47 -27.03 19.15
C GLU A 93 -1.50 -27.11 17.95
N GLU A 94 -1.05 -25.96 17.45
CA GLU A 94 -0.08 -25.92 16.34
C GLU A 94 1.30 -26.49 16.71
N TYR A 95 1.56 -26.71 18.00
CA TYR A 95 2.76 -27.44 18.44
C TYR A 95 2.69 -28.93 18.09
N ASP A 96 1.48 -29.47 17.88
CA ASP A 96 1.30 -30.83 17.36
C ASP A 96 1.61 -30.83 15.86
N LEU A 97 2.53 -31.70 15.43
CA LEU A 97 2.99 -31.67 14.03
C LEU A 97 1.87 -31.81 12.98
N ALA A 98 0.97 -32.76 13.16
CA ALA A 98 -0.17 -32.96 12.24
C ALA A 98 -0.98 -31.67 12.09
N THR A 99 -1.21 -30.98 13.20
CA THR A 99 -1.94 -29.72 13.20
C THR A 99 -1.14 -28.59 12.58
N PHE A 100 0.15 -28.51 12.91
CA PHE A 100 1.07 -27.58 12.24
C PHE A 100 0.93 -27.74 10.72
N GLU A 101 0.97 -28.98 10.24
CA GLU A 101 0.93 -29.25 8.80
C GLU A 101 -0.43 -28.90 8.19
N ARG A 102 -1.49 -29.11 8.94
CA ARG A 102 -2.85 -28.71 8.52
C ARG A 102 -2.92 -27.21 8.28
N VAL A 103 -2.36 -26.44 9.20
CA VAL A 103 -2.37 -24.99 9.11
C VAL A 103 -1.56 -24.54 7.88
N LEU A 104 -0.38 -25.13 7.69
CA LEU A 104 0.42 -24.83 6.51
C LEU A 104 -0.28 -25.18 5.24
N ARG A 105 -0.97 -26.31 5.24
CA ARG A 105 -1.60 -26.84 4.03
C ARG A 105 -2.68 -25.89 3.52
N LEU A 106 -3.47 -25.33 4.44
CA LEU A 106 -4.49 -24.37 4.05
C LEU A 106 -3.90 -22.99 3.79
N ASN A 107 -3.08 -22.51 4.73
CA ASN A 107 -2.60 -21.13 4.67
C ASN A 107 -1.60 -20.87 3.56
N LEU A 108 -0.83 -21.90 3.19
CA LEU A 108 0.22 -21.75 2.19
C LEU A 108 0.00 -22.62 0.97
N SER A 109 -0.08 -23.94 1.15
CA SER A 109 -0.11 -24.81 -0.02
C SER A 109 -1.34 -24.61 -0.89
N ALA A 110 -2.50 -24.41 -0.27
CA ALA A 110 -3.73 -24.13 -1.01
C ALA A 110 -3.65 -22.82 -1.81
N ALA A 111 -2.95 -21.83 -1.26
CA ALA A 111 -2.73 -20.56 -1.92
C ALA A 111 -1.79 -20.75 -3.14
N MET A 112 -0.77 -21.59 -2.99
CA MET A 112 0.10 -21.93 -4.12
C MET A 112 -0.72 -22.60 -5.22
N LEU A 113 -1.53 -23.59 -4.84
CA LEU A 113 -2.32 -24.34 -5.83
C LEU A 113 -3.30 -23.41 -6.53
N ALA A 114 -4.01 -22.62 -5.75
CA ALA A 114 -4.97 -21.67 -6.33
C ALA A 114 -4.30 -20.70 -7.29
N SER A 115 -3.13 -20.21 -6.92
CA SER A 115 -2.38 -19.30 -7.77
C SER A 115 -2.05 -19.96 -9.12
N GLN A 116 -1.58 -21.21 -9.07
CA GLN A 116 -1.19 -21.95 -10.28
C GLN A 116 -2.40 -22.32 -11.15
N LEU A 117 -3.52 -22.67 -10.52
CA LEU A 117 -4.77 -22.90 -11.26
C LEU A 117 -5.32 -21.61 -11.87
N ALA A 118 -5.15 -20.49 -11.18
CA ALA A 118 -5.62 -19.20 -11.68
C ALA A 118 -4.75 -18.68 -12.82
N ARG A 119 -3.46 -19.01 -12.77
CA ARG A 119 -2.46 -18.43 -13.63
C ARG A 119 -2.81 -18.36 -15.13
N PRO A 120 -3.24 -19.48 -15.76
CA PRO A 120 -3.55 -19.40 -17.20
C PRO A 120 -4.69 -18.43 -17.51
N LEU A 121 -5.67 -18.34 -16.61
CA LEU A 121 -6.79 -17.41 -16.80
C LEU A 121 -6.34 -15.97 -16.57
N LEU A 122 -5.55 -15.75 -15.51
CA LEU A 122 -5.04 -14.40 -15.22
C LEU A 122 -4.09 -13.90 -16.30
N ALA A 123 -3.38 -14.82 -16.96
CA ALA A 123 -2.45 -14.46 -18.03
C ALA A 123 -3.15 -13.99 -19.33
N GLN A 124 -4.44 -14.29 -19.50
CA GLN A 124 -5.13 -13.94 -20.74
C GLN A 124 -5.09 -12.45 -21.03
N ARG A 125 -5.49 -11.64 -20.06
CA ARG A 125 -5.45 -10.18 -20.18
C ARG A 125 -4.58 -9.54 -19.13
N GLY A 126 -3.80 -10.34 -18.42
CA GLY A 126 -3.14 -9.84 -17.23
C GLY A 126 -4.20 -9.80 -16.14
N GLY A 127 -3.76 -9.53 -14.94
CA GLY A 127 -4.66 -9.56 -13.81
C GLY A 127 -3.78 -9.50 -12.58
N SER A 128 -4.32 -9.92 -11.45
CA SER A 128 -3.59 -9.80 -10.21
C SER A 128 -3.93 -10.91 -9.21
N ILE A 129 -3.00 -11.12 -8.29
CA ILE A 129 -3.21 -11.98 -7.14
C ILE A 129 -2.97 -11.14 -5.90
N LEU A 130 -3.83 -11.31 -4.89
CA LEU A 130 -3.69 -10.67 -3.60
C LEU A 130 -3.71 -11.76 -2.52
N ASN A 131 -2.63 -11.82 -1.76
CA ASN A 131 -2.53 -12.74 -0.64
C ASN A 131 -2.73 -11.96 0.62
N ILE A 132 -3.25 -12.62 1.66
CA ILE A 132 -3.42 -11.98 2.93
C ILE A 132 -2.36 -12.48 3.92
N ALA A 133 -1.50 -11.56 4.35
CA ALA A 133 -0.43 -11.85 5.28
C ALA A 133 -0.93 -11.60 6.70
N SER A 134 -0.07 -11.07 7.55
CA SER A 134 -0.38 -10.95 8.98
C SER A 134 0.70 -10.12 9.66
N MET A 135 0.37 -9.55 10.80
CA MET A 135 1.38 -8.98 11.68
C MET A 135 2.45 -10.06 11.98
N TYR A 136 2.02 -11.32 11.99
CA TYR A 136 2.90 -12.43 12.31
C TYR A 136 3.75 -12.91 11.12
N SER A 137 3.66 -12.20 9.99
CA SER A 137 4.67 -12.25 8.95
C SER A 137 5.96 -11.52 9.39
N THR A 138 5.83 -10.65 10.40
CA THR A 138 6.92 -9.85 10.92
C THR A 138 7.29 -10.31 12.34
N PHE A 139 6.34 -10.16 13.25
CA PHE A 139 6.53 -10.63 14.62
C PHE A 139 6.38 -12.15 14.66
N GLY A 140 7.04 -12.81 15.59
CA GLY A 140 6.78 -14.21 15.86
C GLY A 140 5.54 -14.33 16.71
N SER A 141 4.96 -15.53 16.78
CA SER A 141 3.90 -15.84 17.71
C SER A 141 4.18 -17.12 18.47
N ALA A 142 4.41 -16.99 19.77
CA ALA A 142 4.61 -18.14 20.67
C ALA A 142 3.39 -19.03 20.66
N ASP A 143 2.22 -18.43 20.63
CA ASP A 143 0.97 -19.19 20.72
C ASP A 143 0.48 -19.77 19.40
N ARG A 144 1.01 -19.29 18.27
CA ARG A 144 0.63 -19.87 16.97
C ARG A 144 1.81 -19.92 15.99
N PRO A 145 2.76 -20.84 16.26
CA PRO A 145 3.95 -20.98 15.45
C PRO A 145 3.67 -21.37 14.01
N ALA A 146 2.68 -22.23 13.79
CA ALA A 146 2.34 -22.64 12.41
C ALA A 146 1.73 -21.47 11.66
N TYR A 147 0.87 -20.73 12.34
CA TYR A 147 0.27 -19.53 11.71
C TYR A 147 1.35 -18.54 11.30
N SER A 148 2.25 -18.22 12.22
CA SER A 148 3.32 -17.27 11.92
C SER A 148 4.21 -17.79 10.78
N ALA A 149 4.60 -19.07 10.86
CA ALA A 149 5.42 -19.66 9.81
C ALA A 149 4.72 -19.56 8.47
N SER A 150 3.42 -19.86 8.45
CA SER A 150 2.66 -19.86 7.22
C SER A 150 2.57 -18.45 6.62
N LYS A 151 2.53 -17.45 7.48
CA LYS A 151 2.38 -16.07 7.03
C LYS A 151 3.70 -15.47 6.58
N GLY A 152 4.81 -15.90 7.19
CA GLY A 152 6.13 -15.60 6.62
C GLY A 152 6.31 -16.26 5.27
N ALA A 153 5.84 -17.50 5.15
CA ALA A 153 5.84 -18.19 3.88
C ALA A 153 5.04 -17.47 2.81
N ILE A 154 3.84 -17.00 3.16
CA ILE A 154 2.96 -16.38 2.17
C ILE A 154 3.56 -15.07 1.64
N VAL A 155 4.27 -14.34 2.49
CA VAL A 155 5.01 -13.17 2.01
C VAL A 155 6.10 -13.53 0.99
N GLN A 156 6.92 -14.55 1.27
CA GLN A 156 7.93 -14.99 0.28
C GLN A 156 7.31 -15.62 -0.97
N LEU A 157 6.16 -16.26 -0.82
CA LEU A 157 5.43 -16.76 -1.98
C LEU A 157 4.94 -15.60 -2.84
N THR A 158 4.43 -14.56 -2.19
CA THR A 158 4.03 -13.33 -2.87
C THR A 158 5.18 -12.76 -3.69
N ARG A 159 6.34 -12.63 -3.06
CA ARG A 159 7.50 -12.07 -3.75
C ARG A 159 7.98 -12.98 -4.89
N SER A 160 7.93 -14.29 -4.66
CA SER A 160 8.41 -15.27 -5.66
C SER A 160 7.52 -15.30 -6.88
N LEU A 161 6.21 -15.36 -6.66
CA LEU A 161 5.26 -15.36 -7.78
C LEU A 161 5.20 -13.99 -8.44
N ALA A 162 5.46 -12.91 -7.71
CA ALA A 162 5.59 -11.59 -8.33
C ALA A 162 6.71 -11.61 -9.39
N CYS A 163 7.85 -12.21 -9.03
CA CYS A 163 8.95 -12.38 -9.99
C CYS A 163 8.57 -13.28 -11.16
N GLU A 164 7.97 -14.43 -10.86
CA GLU A 164 7.63 -15.41 -11.90
C GLU A 164 6.55 -14.93 -12.85
N TYR A 165 5.50 -14.30 -12.31
CA TYR A 165 4.31 -14.00 -13.11
C TYR A 165 4.35 -12.61 -13.78
N ALA A 166 5.37 -11.82 -13.48
CA ALA A 166 5.46 -10.46 -14.01
C ALA A 166 5.45 -10.44 -15.56
N ALA A 167 6.15 -11.39 -16.20
CA ALA A 167 6.20 -11.46 -17.66
C ALA A 167 4.85 -11.80 -18.30
N GLU A 168 3.91 -12.32 -17.50
CA GLU A 168 2.51 -12.52 -17.93
C GLU A 168 1.56 -11.39 -17.48
N ARG A 169 2.13 -10.27 -17.03
CA ARG A 169 1.36 -9.12 -16.52
C ARG A 169 0.41 -9.49 -15.38
N ILE A 170 0.82 -10.43 -14.56
CA ILE A 170 0.06 -10.76 -13.37
C ILE A 170 0.84 -10.17 -12.21
N ARG A 171 0.25 -9.18 -11.56
CA ARG A 171 0.86 -8.55 -10.41
C ARG A 171 0.45 -9.38 -9.19
N VAL A 172 1.36 -9.51 -8.22
CA VAL A 172 1.12 -10.33 -7.04
C VAL A 172 1.54 -9.56 -5.80
N ASN A 173 0.56 -9.24 -4.96
CA ASN A 173 0.81 -8.42 -3.79
C ASN A 173 0.15 -9.05 -2.58
N ALA A 174 0.45 -8.50 -1.41
CA ALA A 174 -0.16 -8.93 -0.15
C ALA A 174 -0.57 -7.72 0.67
N ILE A 175 -1.57 -7.94 1.52
CA ILE A 175 -1.89 -7.01 2.56
C ILE A 175 -1.54 -7.69 3.86
N ALA A 176 -0.89 -6.96 4.76
CA ALA A 176 -0.70 -7.45 6.13
C ALA A 176 -1.69 -6.72 7.05
N PRO A 177 -2.84 -7.35 7.33
CA PRO A 177 -3.79 -6.66 8.20
C PRO A 177 -3.29 -6.69 9.63
N GLY A 178 -3.66 -5.67 10.39
CA GLY A 178 -3.47 -5.66 11.83
C GLY A 178 -4.61 -6.40 12.46
N TRP A 179 -5.10 -5.93 13.61
CA TRP A 179 -6.10 -6.64 14.35
C TRP A 179 -7.46 -6.20 13.87
N ILE A 180 -8.13 -7.08 13.13
CA ILE A 180 -9.38 -6.75 12.47
C ILE A 180 -10.52 -7.45 13.21
N ASP A 181 -11.54 -6.68 13.54
CA ASP A 181 -12.69 -7.21 14.27
C ASP A 181 -13.54 -8.10 13.35
N THR A 182 -13.20 -9.39 13.28
CA THR A 182 -13.99 -10.38 12.54
C THR A 182 -14.54 -11.41 13.52
N PRO A 183 -15.88 -11.57 13.57
CA PRO A 183 -16.48 -12.70 14.29
C PRO A 183 -16.49 -13.98 13.44
N LYS A 189 -10.96 -10.92 21.87
CA LYS A 189 -11.72 -9.68 21.99
C LYS A 189 -12.47 -9.60 23.32
N ALA A 190 -12.94 -10.74 23.80
CA ALA A 190 -13.53 -10.85 25.14
C ALA A 190 -12.44 -10.92 26.21
N ASP A 191 -11.19 -11.13 25.78
CA ASP A 191 -10.01 -11.09 26.65
C ASP A 191 -9.61 -9.63 26.89
N VAL A 192 -10.03 -9.09 28.03
CA VAL A 192 -9.79 -7.69 28.38
C VAL A 192 -8.30 -7.35 28.36
N GLU A 193 -7.47 -8.25 28.86
CA GLU A 193 -6.02 -7.99 28.93
C GLU A 193 -5.38 -7.94 27.56
N ALA A 194 -5.81 -8.85 26.69
CA ALA A 194 -5.29 -8.92 25.33
C ALA A 194 -5.69 -7.69 24.52
N THR A 195 -6.97 -7.32 24.62
CA THR A 195 -7.45 -6.09 24.01
C THR A 195 -6.63 -4.90 24.47
N ARG A 196 -6.42 -4.77 25.77
CA ARG A 196 -5.63 -3.68 26.29
C ARG A 196 -4.20 -3.69 25.74
N ARG A 197 -3.58 -4.86 25.68
CA ARG A 197 -2.23 -4.97 25.13
C ARG A 197 -2.19 -4.52 23.67
N ILE A 198 -3.12 -5.03 22.87
CA ILE A 198 -3.17 -4.68 21.45
C ILE A 198 -3.44 -3.18 21.27
N MET A 199 -4.39 -2.63 22.03
CA MET A 199 -4.76 -1.22 21.90
C MET A 199 -3.62 -0.30 22.27
N GLN A 200 -2.87 -0.66 23.31
CA GLN A 200 -1.70 0.11 23.73
C GLN A 200 -0.63 0.15 22.65
N ARG A 201 -0.55 -0.89 21.84
CA ARG A 201 0.42 -0.95 20.77
C ARG A 201 -0.11 -0.49 19.41
N THR A 202 -1.37 -0.13 19.31
CA THR A 202 -1.93 0.35 18.07
C THR A 202 -2.06 1.87 18.14
N PRO A 203 -1.22 2.60 17.34
CA PRO A 203 -1.34 4.05 17.33
C PRO A 203 -2.77 4.59 17.12
N LEU A 204 -3.53 4.02 16.19
CA LEU A 204 -4.92 4.45 16.00
C LEU A 204 -5.89 4.00 17.10
N ALA A 205 -5.42 3.15 18.01
CA ALA A 205 -6.12 2.80 19.24
C ALA A 205 -7.50 2.23 19.03
N ARG A 206 -7.67 1.38 18.02
CA ARG A 206 -8.96 0.72 17.76
C ARG A 206 -8.74 -0.54 16.95
N TRP A 207 -9.76 -1.39 16.87
CA TRP A 207 -9.76 -2.49 15.93
C TRP A 207 -9.90 -1.94 14.54
N GLY A 208 -9.28 -2.64 13.59
CA GLY A 208 -9.55 -2.41 12.17
C GLY A 208 -10.89 -3.05 11.81
N GLU A 209 -11.50 -2.61 10.72
CA GLU A 209 -12.76 -3.18 10.22
C GLU A 209 -12.50 -3.85 8.87
N ALA A 210 -13.19 -4.96 8.62
CA ALA A 210 -13.00 -5.76 7.42
C ALA A 210 -13.07 -4.94 6.11
N PRO A 211 -14.02 -4.00 5.99
CA PRO A 211 -14.07 -3.16 4.79
C PRO A 211 -12.83 -2.30 4.59
N GLU A 212 -12.09 -2.03 5.66
CA GLU A 212 -10.87 -1.23 5.55
C GLU A 212 -9.76 -2.04 4.87
N VAL A 213 -9.70 -3.34 5.15
CA VAL A 213 -8.83 -4.23 4.40
C VAL A 213 -9.32 -4.32 2.95
N ALA A 214 -10.63 -4.42 2.77
CA ALA A 214 -11.21 -4.55 1.44
C ALA A 214 -10.91 -3.36 0.52
N SER A 215 -10.92 -2.14 1.04
CA SER A 215 -10.63 -0.97 0.22
C SER A 215 -9.19 -1.00 -0.32
N ALA A 216 -8.26 -1.43 0.54
CA ALA A 216 -6.86 -1.60 0.14
C ALA A 216 -6.75 -2.66 -0.98
N ALA A 217 -7.52 -3.74 -0.84
CA ALA A 217 -7.55 -4.79 -1.87
C ALA A 217 -8.00 -4.23 -3.21
N ALA A 218 -9.05 -3.40 -3.19
CA ALA A 218 -9.59 -2.81 -4.41
C ALA A 218 -8.57 -1.91 -5.09
N PHE A 219 -7.76 -1.21 -4.29
CA PHE A 219 -6.68 -0.40 -4.85
C PHE A 219 -5.56 -1.27 -5.45
N LEU A 220 -5.05 -2.24 -4.67
CA LEU A 220 -3.89 -3.03 -5.12
C LEU A 220 -4.16 -3.84 -6.39
N CYS A 221 -5.40 -4.27 -6.58
CA CYS A 221 -5.75 -5.11 -7.71
C CYS A 221 -6.24 -4.33 -8.94
N GLY A 222 -6.12 -3.02 -8.90
CA GLY A 222 -6.70 -2.18 -9.94
C GLY A 222 -5.65 -1.39 -10.69
N PRO A 223 -6.08 -0.63 -11.70
CA PRO A 223 -5.15 0.05 -12.60
C PRO A 223 -4.39 1.21 -11.99
N GLY A 224 -4.77 1.68 -10.79
CA GLY A 224 -3.97 2.66 -10.06
C GLY A 224 -2.70 2.06 -9.41
N ALA A 225 -2.60 0.73 -9.42
CA ALA A 225 -1.46 0.01 -8.85
C ALA A 225 -0.66 -0.73 -9.92
N SER A 226 -0.67 -0.19 -11.15
CA SER A 226 -0.02 -0.84 -12.29
C SER A 226 1.48 -1.12 -12.12
N PHE A 227 2.18 -0.35 -11.29
CA PHE A 227 3.61 -0.58 -11.04
C PHE A 227 3.87 -1.18 -9.66
N VAL A 228 2.82 -1.68 -9.02
CA VAL A 228 2.93 -2.28 -7.71
C VAL A 228 2.86 -3.79 -7.86
N THR A 229 3.98 -4.47 -7.61
CA THR A 229 4.01 -5.92 -7.54
C THR A 229 5.08 -6.38 -6.56
N GLY A 230 4.80 -7.48 -5.87
CA GLY A 230 5.68 -7.99 -4.83
C GLY A 230 5.57 -7.24 -3.51
N ALA A 231 4.61 -6.33 -3.42
CA ALA A 231 4.51 -5.43 -2.28
C ALA A 231 3.65 -6.04 -1.17
N VAL A 232 3.93 -5.63 0.06
CA VAL A 232 3.10 -5.96 1.20
C VAL A 232 2.68 -4.66 1.84
N LEU A 233 1.38 -4.37 1.81
CA LEU A 233 0.84 -3.17 2.41
C LEU A 233 0.27 -3.46 3.80
N ALA A 234 0.80 -2.76 4.79
CA ALA A 234 0.28 -2.88 6.16
C ALA A 234 -1.01 -2.09 6.29
N VAL A 235 -2.08 -2.77 6.71
CA VAL A 235 -3.36 -2.12 7.02
C VAL A 235 -3.65 -2.47 8.49
N ASP A 236 -3.00 -1.73 9.39
CA ASP A 236 -2.84 -2.17 10.77
C ASP A 236 -2.91 -1.11 11.85
N GLY A 237 -3.40 0.07 11.49
CA GLY A 237 -3.52 1.14 12.46
C GLY A 237 -2.19 1.58 13.08
N GLY A 238 -1.08 1.21 12.45
CA GLY A 238 0.24 1.55 12.95
C GLY A 238 0.91 0.51 13.82
N TYR A 239 0.25 -0.63 14.05
CA TYR A 239 0.73 -1.63 14.99
C TYR A 239 2.22 -1.99 14.77
N LEU A 240 2.61 -2.21 13.52
CA LEU A 240 4.00 -2.58 13.20
C LEU A 240 5.01 -1.55 13.67
N CYS A 241 4.61 -0.30 13.81
CA CYS A 241 5.51 0.81 14.15
C CYS A 241 5.74 1.04 15.64
N ALA A 242 4.89 0.50 16.50
CA ALA A 242 4.90 0.86 17.91
C ALA A 242 5.85 -0.05 18.69
N MET B 2 -10.18 7.20 -14.23
CA MET B 2 -10.27 5.70 -14.30
C MET B 2 -10.48 5.02 -12.92
N VAL B 3 -9.77 5.45 -11.89
CA VAL B 3 -9.76 4.71 -10.63
C VAL B 3 -10.59 5.43 -9.55
N PHE B 4 -10.35 6.73 -9.36
CA PHE B 4 -10.96 7.48 -8.26
C PHE B 4 -12.17 8.31 -8.70
N GLN B 5 -13.12 8.50 -7.78
CA GLN B 5 -14.28 9.38 -8.06
C GLN B 5 -13.83 10.82 -8.15
N HIS B 6 -14.47 11.58 -9.04
N HIS B 6 -14.53 11.58 -9.00
CA HIS B 6 -13.97 12.90 -9.49
CA HIS B 6 -14.07 12.87 -9.52
C HIS B 6 -13.74 13.96 -8.45
C HIS B 6 -13.86 14.00 -8.53
N ASP B 7 -14.48 13.92 -7.36
CA ASP B 7 -14.43 15.05 -6.40
C ASP B 7 -14.07 14.59 -4.99
N ILE B 8 -13.41 13.44 -4.87
CA ILE B 8 -13.12 12.89 -3.56
C ILE B 8 -12.29 13.81 -2.64
N TYR B 9 -11.51 14.73 -3.20
CA TYR B 9 -10.77 15.73 -2.38
C TYR B 9 -11.30 17.16 -2.54
N ALA B 10 -12.54 17.30 -3.05
CA ALA B 10 -13.17 18.59 -3.16
C ALA B 10 -13.19 19.30 -1.82
N GLY B 11 -12.81 20.57 -1.80
CA GLY B 11 -12.84 21.39 -0.59
C GLY B 11 -11.64 21.22 0.32
N GLN B 12 -10.69 20.38 -0.08
CA GLN B 12 -9.52 20.12 0.73
C GLN B 12 -8.31 20.88 0.20
N GLN B 13 -7.30 21.05 1.06
CA GLN B 13 -6.09 21.76 0.70
C GLN B 13 -4.91 20.79 0.87
N VAL B 14 -4.12 20.69 -0.19
CA VAL B 14 -2.94 19.85 -0.20
C VAL B 14 -1.71 20.74 -0.43
N LEU B 15 -0.58 20.38 0.18
CA LEU B 15 0.68 21.04 -0.08
C LEU B 15 1.72 19.97 -0.42
N VAL B 16 2.35 20.12 -1.57
CA VAL B 16 3.34 19.17 -2.04
C VAL B 16 4.68 19.88 -2.12
N THR B 17 5.68 19.42 -1.35
CA THR B 17 7.03 19.97 -1.48
C THR B 17 7.68 19.27 -2.67
N GLY B 18 8.55 19.97 -3.39
CA GLY B 18 9.09 19.43 -4.63
C GLY B 18 7.99 19.24 -5.67
N GLY B 19 7.00 20.12 -5.64
CA GLY B 19 5.88 20.03 -6.55
C GLY B 19 6.15 20.57 -7.93
N SER B 20 7.37 21.04 -8.20
CA SER B 20 7.66 21.77 -9.43
C SER B 20 8.22 20.92 -10.56
N SER B 21 8.47 19.63 -10.31
CA SER B 21 8.79 18.68 -11.36
C SER B 21 8.63 17.24 -10.91
N GLY B 22 8.81 16.33 -11.85
CA GLY B 22 8.84 14.89 -11.58
C GLY B 22 7.66 14.37 -10.75
N ILE B 23 7.97 13.60 -9.72
CA ILE B 23 6.96 12.90 -8.93
C ILE B 23 6.04 13.91 -8.22
N GLY B 24 6.65 14.96 -7.66
CA GLY B 24 5.88 15.98 -6.96
C GLY B 24 4.88 16.65 -7.88
N ALA B 25 5.28 16.96 -9.11
CA ALA B 25 4.38 17.56 -10.08
C ALA B 25 3.20 16.65 -10.39
N ALA B 26 3.46 15.35 -10.56
CA ALA B 26 2.41 14.38 -10.87
C ALA B 26 1.47 14.20 -9.66
N ILE B 27 2.03 14.20 -8.46
CA ILE B 27 1.20 14.12 -7.25
C ILE B 27 0.29 15.34 -7.15
N ALA B 28 0.85 16.52 -7.39
CA ALA B 28 0.08 17.75 -7.36
C ALA B 28 -1.08 17.73 -8.34
N MET B 29 -0.80 17.29 -9.57
CA MET B 29 -1.81 17.17 -10.59
C MET B 29 -2.91 16.19 -10.20
N GLN B 30 -2.50 15.06 -9.63
CA GLN B 30 -3.45 13.99 -9.27
C GLN B 30 -4.44 14.50 -8.21
N PHE B 31 -3.93 15.16 -7.16
CA PHE B 31 -4.81 15.74 -6.14
C PHE B 31 -5.70 16.85 -6.71
N ALA B 32 -5.14 17.74 -7.53
CA ALA B 32 -5.91 18.80 -8.18
C ALA B 32 -7.03 18.22 -9.04
N GLU B 33 -6.72 17.17 -9.80
CA GLU B 33 -7.68 16.51 -10.65
C GLU B 33 -8.83 15.87 -9.87
N LEU B 34 -8.61 15.53 -8.60
CA LEU B 34 -9.65 14.94 -7.75
C LEU B 34 -10.31 15.97 -6.83
N GLY B 35 -10.14 17.25 -7.14
CA GLY B 35 -10.89 18.34 -6.50
C GLY B 35 -10.14 19.18 -5.47
N ALA B 36 -8.91 18.80 -5.13
CA ALA B 36 -8.18 19.54 -4.08
C ALA B 36 -7.63 20.85 -4.61
N GLU B 37 -7.53 21.84 -3.74
CA GLU B 37 -6.66 22.98 -3.98
C GLU B 37 -5.28 22.52 -3.55
N VAL B 38 -4.27 22.81 -4.36
CA VAL B 38 -2.90 22.32 -4.12
C VAL B 38 -1.92 23.47 -4.20
N VAL B 39 -1.01 23.51 -3.23
CA VAL B 39 0.18 24.35 -3.33
C VAL B 39 1.34 23.45 -3.74
N ALA B 40 1.91 23.72 -4.91
CA ALA B 40 3.11 23.03 -5.40
C ALA B 40 4.34 23.91 -5.09
N LEU B 41 5.06 23.56 -4.03
CA LEU B 41 6.24 24.29 -3.58
C LEU B 41 7.47 23.65 -4.17
N GLY B 42 8.39 24.46 -4.66
CA GLY B 42 9.65 23.93 -5.14
C GLY B 42 10.53 25.00 -5.72
N LEU B 43 11.64 24.56 -6.32
CA LEU B 43 12.54 25.45 -7.02
C LEU B 43 12.11 25.50 -8.48
N ASP B 44 12.37 26.62 -9.13
CA ASP B 44 11.97 26.83 -10.52
C ASP B 44 10.47 26.52 -10.68
N ALA B 45 9.69 27.18 -9.84
CA ALA B 45 8.27 26.87 -9.66
C ALA B 45 7.41 27.12 -10.90
N ASP B 46 7.90 27.92 -11.85
CA ASP B 46 7.18 28.15 -13.10
C ASP B 46 7.87 27.53 -14.31
N GLY B 47 8.82 26.64 -14.07
CA GLY B 47 9.55 25.99 -15.16
C GLY B 47 8.70 25.06 -16.00
N VAL B 48 9.33 24.50 -17.04
CA VAL B 48 8.68 23.63 -18.01
C VAL B 48 7.94 22.41 -17.39
N HIS B 49 8.51 21.86 -16.33
CA HIS B 49 7.98 20.63 -15.73
C HIS B 49 6.97 20.88 -14.64
N ALA B 50 6.68 22.14 -14.33
CA ALA B 50 5.81 22.48 -13.22
C ALA B 50 4.35 22.27 -13.61
N PRO B 51 3.53 21.81 -12.67
CA PRO B 51 2.17 21.42 -13.02
C PRO B 51 1.23 22.63 -13.19
N ARG B 52 0.56 22.69 -14.34
CA ARG B 52 -0.42 23.74 -14.65
C ARG B 52 -1.86 23.23 -14.48
N HIS B 53 -2.61 23.89 -13.61
CA HIS B 53 -3.99 23.50 -13.34
C HIS B 53 -4.64 24.63 -12.62
N PRO B 54 -5.94 24.88 -12.88
CA PRO B 54 -6.56 26.02 -12.17
C PRO B 54 -6.58 25.90 -10.64
N ARG B 55 -6.48 24.69 -10.10
CA ARG B 55 -6.45 24.49 -8.63
C ARG B 55 -5.05 24.30 -8.03
N ILE B 56 -4.01 24.47 -8.85
CA ILE B 56 -2.64 24.36 -8.37
C ILE B 56 -2.01 25.75 -8.35
N ARG B 57 -1.64 26.21 -7.15
CA ARG B 57 -0.82 27.40 -7.00
C ARG B 57 0.66 26.98 -6.94
N ARG B 58 1.46 27.53 -7.83
CA ARG B 58 2.88 27.22 -7.88
C ARG B 58 3.65 28.26 -7.07
N GLU B 59 4.49 27.80 -6.16
CA GLU B 59 5.21 28.72 -5.28
C GLU B 59 6.71 28.40 -5.27
N GLU B 60 7.52 29.41 -5.58
CA GLU B 60 8.97 29.32 -5.48
C GLU B 60 9.41 29.39 -4.01
N LEU B 61 10.01 28.33 -3.51
CA LEU B 61 10.46 28.32 -2.12
C LEU B 61 11.50 27.23 -1.89
N ASP B 62 12.68 27.65 -1.43
CA ASP B 62 13.71 26.74 -0.94
C ASP B 62 13.30 26.36 0.47
N ILE B 63 12.88 25.10 0.66
CA ILE B 63 12.28 24.69 1.92
C ILE B 63 13.30 24.51 3.06
N THR B 64 14.59 24.67 2.75
CA THR B 64 15.63 24.70 3.78
C THR B 64 15.68 26.09 4.45
N ASP B 65 15.02 27.07 3.84
CA ASP B 65 14.80 28.36 4.47
C ASP B 65 13.66 28.25 5.48
N SER B 66 14.03 27.89 6.70
CA SER B 66 13.09 27.56 7.75
C SER B 66 12.08 28.66 8.08
N GLN B 67 12.56 29.90 8.14
CA GLN B 67 11.69 31.04 8.50
C GLN B 67 10.66 31.28 7.40
N ARG B 68 11.09 31.22 6.16
CA ARG B 68 10.20 31.41 5.01
C ARG B 68 9.14 30.30 4.95
N LEU B 69 9.56 29.07 5.21
CA LEU B 69 8.62 27.95 5.22
C LEU B 69 7.57 28.14 6.31
N GLN B 70 8.03 28.54 7.50
CA GLN B 70 7.10 28.79 8.61
C GLN B 70 6.06 29.85 8.23
N ARG B 71 6.51 30.96 7.63
CA ARG B 71 5.57 32.02 7.22
C ARG B 71 4.53 31.48 6.25
N LEU B 72 4.96 30.63 5.33
CA LEU B 72 4.03 30.08 4.35
C LEU B 72 2.95 29.26 5.07
N PHE B 73 3.36 28.40 5.98
CA PHE B 73 2.41 27.58 6.71
C PHE B 73 1.48 28.41 7.59
N GLU B 74 2.01 29.45 8.21
CA GLU B 74 1.19 30.37 9.01
C GLU B 74 0.13 31.11 8.18
N ALA B 75 0.44 31.38 6.91
CA ALA B 75 -0.53 32.01 6.01
C ALA B 75 -1.65 31.07 5.51
N LEU B 76 -1.50 29.76 5.68
CA LEU B 76 -2.51 28.80 5.18
C LEU B 76 -3.74 28.80 6.07
N PRO B 77 -4.94 28.94 5.47
CA PRO B 77 -6.15 28.92 6.27
C PRO B 77 -6.57 27.49 6.62
N ARG B 78 -6.03 26.52 5.89
CA ARG B 78 -6.47 25.14 5.99
C ARG B 78 -5.41 24.22 5.39
N LEU B 79 -5.25 23.03 5.94
CA LEU B 79 -4.42 22.00 5.29
C LEU B 79 -4.92 20.63 5.69
N ASP B 80 -5.18 19.81 4.68
CA ASP B 80 -5.66 18.45 4.88
C ASP B 80 -4.60 17.38 4.63
N VAL B 81 -3.72 17.63 3.65
CA VAL B 81 -2.68 16.67 3.27
C VAL B 81 -1.35 17.39 3.01
N LEU B 82 -0.28 16.87 3.61
CA LEU B 82 1.08 17.31 3.33
C LEU B 82 1.83 16.16 2.65
N VAL B 83 2.45 16.46 1.51
CA VAL B 83 3.32 15.51 0.83
C VAL B 83 4.75 16.06 0.92
N ASN B 84 5.60 15.37 1.68
CA ASN B 84 7.02 15.68 1.73
C ASN B 84 7.74 14.93 0.61
N ASN B 85 7.78 15.52 -0.57
CA ASN B 85 8.33 14.84 -1.75
C ASN B 85 9.70 15.37 -2.16
N ALA B 86 10.00 16.63 -1.82
CA ALA B 86 11.29 17.22 -2.22
C ALA B 86 12.44 16.33 -1.75
N GLY B 87 13.35 16.02 -2.67
CA GLY B 87 14.51 15.22 -2.39
C GLY B 87 15.60 15.46 -3.42
N ILE B 88 16.86 15.38 -3.00
CA ILE B 88 17.99 15.53 -3.93
C ILE B 88 19.02 14.44 -3.67
N SER B 89 19.91 14.27 -4.64
CA SER B 89 21.13 13.49 -4.46
C SER B 89 22.26 14.20 -5.19
N ARG B 90 23.47 14.11 -4.67
CA ARG B 90 24.63 14.65 -5.36
C ARG B 90 25.61 13.54 -5.68
N ASP B 91 25.10 12.31 -5.76
CA ASP B 91 25.91 11.15 -6.10
C ASP B 91 27.22 11.13 -5.31
N ARG B 92 28.36 10.86 -5.95
CA ARG B 92 29.59 10.61 -5.19
C ARG B 92 30.16 11.84 -4.48
N GLU B 93 29.66 13.03 -4.80
CA GLU B 93 30.01 14.23 -4.03
C GLU B 93 29.48 14.13 -2.58
N GLU B 94 28.56 13.20 -2.36
CA GLU B 94 28.02 12.95 -1.01
C GLU B 94 29.04 12.42 -0.01
N TYR B 95 30.20 11.97 -0.51
CA TYR B 95 31.33 11.63 0.35
C TYR B 95 31.98 12.86 1.01
N ASP B 96 31.78 14.04 0.42
CA ASP B 96 32.13 15.31 1.08
C ASP B 96 31.13 15.63 2.21
N LEU B 97 31.60 15.86 3.43
CA LEU B 97 30.71 16.05 4.57
C LEU B 97 29.67 17.18 4.41
N ALA B 98 30.11 18.37 3.98
CA ALA B 98 29.19 19.48 3.74
C ALA B 98 28.05 19.05 2.80
N THR B 99 28.40 18.32 1.74
CA THR B 99 27.41 17.88 0.76
C THR B 99 26.48 16.81 1.34
N PHE B 100 27.07 15.86 2.07
CA PHE B 100 26.30 14.88 2.82
C PHE B 100 25.24 15.60 3.66
N GLU B 101 25.67 16.63 4.40
CA GLU B 101 24.77 17.35 5.29
C GLU B 101 23.68 18.13 4.54
N ARG B 102 24.05 18.70 3.40
CA ARG B 102 23.09 19.38 2.53
C ARG B 102 21.97 18.42 2.12
N VAL B 103 22.35 17.21 1.72
CA VAL B 103 21.39 16.21 1.28
C VAL B 103 20.47 15.81 2.42
N LEU B 104 21.03 15.57 3.60
CA LEU B 104 20.22 15.27 4.76
C LEU B 104 19.28 16.41 5.13
N ARG B 105 19.77 17.64 5.00
CA ARG B 105 19.01 18.80 5.47
C ARG B 105 17.73 18.96 4.65
N LEU B 106 17.83 18.74 3.35
CA LEU B 106 16.66 18.82 2.49
C LEU B 106 15.81 17.56 2.60
N ASN B 107 16.44 16.40 2.48
CA ASN B 107 15.71 15.14 2.37
C ASN B 107 15.03 14.72 3.66
N LEU B 108 15.59 15.13 4.81
CA LEU B 108 15.06 14.73 6.12
C LEU B 108 14.62 15.90 6.98
N SER B 109 15.52 16.83 7.26
CA SER B 109 15.20 17.86 8.24
C SER B 109 14.07 18.77 7.79
N ALA B 110 14.05 19.13 6.52
CA ALA B 110 12.96 19.94 5.98
C ALA B 110 11.61 19.22 6.06
N ALA B 111 11.61 17.90 5.91
CA ALA B 111 10.40 17.09 6.02
C ALA B 111 9.91 17.08 7.46
N MET B 112 10.84 17.02 8.40
CA MET B 112 10.48 17.11 9.82
C MET B 112 9.83 18.45 10.13
N LEU B 113 10.48 19.53 9.69
CA LEU B 113 9.96 20.86 9.92
C LEU B 113 8.57 21.03 9.29
N ALA B 114 8.44 20.66 8.02
CA ALA B 114 7.16 20.78 7.32
C ALA B 114 6.07 20.02 8.04
N SER B 115 6.39 18.82 8.51
CA SER B 115 5.42 18.01 9.24
C SER B 115 4.94 18.73 10.51
N GLN B 116 5.88 19.30 11.26
CA GLN B 116 5.55 20.03 12.49
C GLN B 116 4.77 21.32 12.23
N LEU B 117 5.10 22.03 11.16
CA LEU B 117 4.37 23.23 10.77
C LEU B 117 2.97 22.87 10.27
N ALA B 118 2.84 21.73 9.60
CA ALA B 118 1.56 21.27 9.10
C ALA B 118 0.65 20.75 10.22
N ARG B 119 1.27 20.18 11.24
CA ARG B 119 0.56 19.47 12.31
C ARG B 119 -0.69 20.17 12.90
N PRO B 120 -0.59 21.44 13.33
CA PRO B 120 -1.80 22.09 13.89
C PRO B 120 -2.94 22.23 12.89
N LEU B 121 -2.62 22.45 11.61
CA LEU B 121 -3.64 22.52 10.57
C LEU B 121 -4.25 21.15 10.29
N LEU B 122 -3.40 20.13 10.20
CA LEU B 122 -3.86 18.78 9.94
C LEU B 122 -4.71 18.24 11.10
N ALA B 123 -4.43 18.70 12.32
CA ALA B 123 -5.20 18.28 13.49
C ALA B 123 -6.64 18.85 13.54
N GLN B 124 -6.91 19.91 12.78
CA GLN B 124 -8.23 20.57 12.84
C GLN B 124 -9.35 19.57 12.54
N ARG B 125 -9.24 18.88 11.41
CA ARG B 125 -10.21 17.86 11.01
C ARG B 125 -9.60 16.48 10.88
N GLY B 126 -8.35 16.33 11.29
CA GLY B 126 -7.59 15.15 10.91
C GLY B 126 -7.12 15.33 9.48
N GLY B 127 -6.26 14.44 9.02
CA GLY B 127 -5.66 14.58 7.69
C GLY B 127 -4.54 13.58 7.60
N SER B 128 -3.61 13.81 6.68
CA SER B 128 -2.52 12.86 6.44
C SER B 128 -1.23 13.50 5.98
N ILE B 129 -0.13 12.78 6.19
CA ILE B 129 1.19 13.14 5.66
C ILE B 129 1.67 11.96 4.83
N LEU B 130 2.25 12.26 3.67
CA LEU B 130 2.88 11.27 2.81
C LEU B 130 4.32 11.67 2.58
N ASN B 131 5.24 10.79 2.95
CA ASN B 131 6.66 10.99 2.69
C ASN B 131 7.09 10.12 1.53
N ILE B 132 8.08 10.56 0.75
CA ILE B 132 8.60 9.76 -0.33
C ILE B 132 9.95 9.10 0.03
N ALA B 133 9.96 7.78 0.08
CA ALA B 133 11.14 6.99 0.45
C ALA B 133 11.88 6.58 -0.83
N SER B 134 12.45 5.38 -0.88
CA SER B 134 13.35 4.99 -1.97
C SER B 134 13.70 3.52 -1.85
N MET B 135 14.10 2.92 -2.95
CA MET B 135 14.73 1.60 -2.91
C MET B 135 15.92 1.62 -1.95
N TYR B 136 16.56 2.78 -1.86
CA TYR B 136 17.75 2.93 -1.00
C TYR B 136 17.42 3.18 0.47
N SER B 137 16.13 3.14 0.81
CA SER B 137 15.69 2.91 2.20
C SER B 137 15.97 1.46 2.63
N THR B 138 16.15 0.56 1.63
CA THR B 138 16.39 -0.86 1.88
C THR B 138 17.82 -1.25 1.49
N PHE B 139 18.14 -1.08 0.22
CA PHE B 139 19.46 -1.35 -0.26
C PHE B 139 20.38 -0.18 0.10
N GLY B 140 21.66 -0.46 0.24
CA GLY B 140 22.66 0.60 0.37
C GLY B 140 22.97 1.14 -1.00
N SER B 141 23.57 2.32 -1.06
CA SER B 141 24.11 2.86 -2.31
C SER B 141 25.55 3.34 -2.13
N ALA B 142 26.48 2.64 -2.77
CA ALA B 142 27.90 3.06 -2.78
C ALA B 142 28.06 4.47 -3.37
N ASP B 143 27.28 4.77 -4.40
CA ASP B 143 27.44 6.04 -5.11
C ASP B 143 26.65 7.19 -4.47
N ARG B 144 25.70 6.91 -3.58
CA ARG B 144 24.98 7.98 -2.88
C ARG B 144 24.66 7.65 -1.42
N PRO B 145 25.69 7.65 -0.58
CA PRO B 145 25.54 7.30 0.83
C PRO B 145 24.62 8.25 1.58
N ALA B 146 24.68 9.56 1.27
CA ALA B 146 23.82 10.53 1.96
C ALA B 146 22.36 10.31 1.57
N TYR B 147 22.13 10.08 0.27
CA TYR B 147 20.78 9.79 -0.20
C TYR B 147 20.22 8.56 0.51
N SER B 148 20.99 7.49 0.56
CA SER B 148 20.52 6.25 1.18
C SER B 148 20.25 6.48 2.68
N ALA B 149 21.19 7.12 3.36
CA ALA B 149 21.02 7.43 4.77
C ALA B 149 19.74 8.24 4.98
N SER B 150 19.52 9.26 4.16
CA SER B 150 18.37 10.15 4.31
C SER B 150 17.05 9.40 4.11
N LYS B 151 17.06 8.40 3.24
CA LYS B 151 15.86 7.66 2.92
C LYS B 151 15.57 6.59 3.97
N GLY B 152 16.60 6.02 4.59
CA GLY B 152 16.41 5.20 5.78
C GLY B 152 15.84 6.02 6.91
N ALA B 153 16.36 7.25 7.06
CA ALA B 153 15.85 8.19 8.05
C ALA B 153 14.38 8.54 7.82
N ILE B 154 14.00 8.81 6.58
CA ILE B 154 12.62 9.25 6.30
C ILE B 154 11.62 8.12 6.58
N VAL B 155 12.02 6.87 6.38
CA VAL B 155 11.14 5.75 6.77
C VAL B 155 10.92 5.71 8.29
N GLN B 156 11.98 5.87 9.06
CA GLN B 156 11.81 5.90 10.53
C GLN B 156 11.08 7.14 11.03
N LEU B 157 11.27 8.25 10.34
CA LEU B 157 10.51 9.45 10.67
C LEU B 157 9.01 9.23 10.41
N THR B 158 8.69 8.59 9.28
CA THR B 158 7.32 8.21 8.97
C THR B 158 6.70 7.38 10.11
N ARG B 159 7.43 6.37 10.55
CA ARG B 159 6.92 5.48 11.60
C ARG B 159 6.78 6.21 12.95
N SER B 160 7.73 7.10 13.24
CA SER B 160 7.75 7.86 14.49
C SER B 160 6.61 8.87 14.56
N LEU B 161 6.44 9.65 13.49
CA LEU B 161 5.34 10.62 13.42
C LEU B 161 3.97 9.94 13.29
N ALA B 162 3.92 8.75 12.68
CA ALA B 162 2.68 7.94 12.72
C ALA B 162 2.24 7.67 14.17
N CYS B 163 3.19 7.28 15.01
CA CYS B 163 2.92 7.05 16.44
C CYS B 163 2.51 8.32 17.17
N GLU B 164 3.26 9.40 16.96
CA GLU B 164 3.00 10.67 17.63
C GLU B 164 1.69 11.35 17.21
N TYR B 165 1.38 11.35 15.91
CA TYR B 165 0.26 12.12 15.39
C TYR B 165 -1.07 11.38 15.37
N ALA B 166 -1.06 10.08 15.67
CA ALA B 166 -2.30 9.27 15.66
C ALA B 166 -3.42 9.88 16.52
N ALA B 167 -3.08 10.37 17.72
CA ALA B 167 -4.08 10.92 18.64
C ALA B 167 -4.78 12.17 18.08
N GLU B 168 -4.13 12.83 17.12
CA GLU B 168 -4.73 13.98 16.42
C GLU B 168 -5.40 13.60 15.10
N ARG B 169 -5.62 12.30 14.90
CA ARG B 169 -6.25 11.77 13.72
C ARG B 169 -5.48 12.16 12.44
N ILE B 170 -4.15 12.22 12.53
CA ILE B 170 -3.29 12.42 11.37
C ILE B 170 -2.56 11.09 11.05
N ARG B 171 -2.83 10.55 9.86
CA ARG B 171 -2.14 9.36 9.39
C ARG B 171 -0.83 9.77 8.67
N VAL B 172 0.23 8.98 8.81
CA VAL B 172 1.55 9.33 8.26
C VAL B 172 2.13 8.08 7.59
N ASN B 173 2.28 8.15 6.25
CA ASN B 173 2.70 7.01 5.46
C ASN B 173 3.80 7.42 4.50
N ALA B 174 4.41 6.43 3.85
CA ALA B 174 5.41 6.68 2.81
C ALA B 174 5.17 5.78 1.61
N ILE B 175 5.64 6.23 0.46
CA ILE B 175 5.75 5.40 -0.73
C ILE B 175 7.25 5.22 -0.97
N ALA B 176 7.68 3.99 -1.23
CA ALA B 176 9.05 3.71 -1.70
C ALA B 176 9.01 3.48 -3.20
N PRO B 177 9.24 4.53 -4.00
CA PRO B 177 9.24 4.29 -5.43
C PRO B 177 10.47 3.52 -5.87
N GLY B 178 10.33 2.73 -6.94
CA GLY B 178 11.43 2.12 -7.64
C GLY B 178 12.08 3.13 -8.56
N TRP B 179 12.50 2.69 -9.73
CA TRP B 179 13.20 3.56 -10.65
C TRP B 179 12.18 4.24 -11.50
N ILE B 180 11.96 5.53 -11.27
CA ILE B 180 10.91 6.29 -11.93
C ILE B 180 11.56 7.21 -12.97
N ASP B 181 11.02 7.16 -14.18
CA ASP B 181 11.52 7.97 -15.27
C ASP B 181 11.14 9.44 -15.16
N THR B 182 11.86 10.19 -14.35
CA THR B 182 11.59 11.61 -14.17
C THR B 182 12.70 12.41 -14.84
N ASP B 191 23.99 5.58 -18.86
CA ASP B 191 24.77 4.45 -18.42
C ASP B 191 24.06 3.16 -18.86
N VAL B 192 24.45 2.67 -20.03
CA VAL B 192 23.84 1.48 -20.63
C VAL B 192 23.87 0.28 -19.69
N GLU B 193 25.00 0.10 -19.02
CA GLU B 193 25.20 -1.06 -18.17
C GLU B 193 24.29 -1.00 -16.94
N ALA B 194 24.15 0.19 -16.37
CA ALA B 194 23.32 0.38 -15.20
C ALA B 194 21.83 0.20 -15.54
N THR B 195 21.39 0.78 -16.65
CA THR B 195 20.04 0.59 -17.15
C THR B 195 19.75 -0.89 -17.32
N ARG B 196 20.66 -1.61 -17.97
CA ARG B 196 20.45 -3.03 -18.19
C ARG B 196 20.37 -3.77 -16.87
N ARG B 197 21.23 -3.43 -15.93
CA ARG B 197 21.18 -4.06 -14.62
C ARG B 197 19.83 -3.81 -13.96
N ILE B 198 19.39 -2.56 -13.93
CA ILE B 198 18.14 -2.20 -13.26
C ILE B 198 16.96 -2.91 -13.92
N MET B 199 16.93 -2.92 -15.25
CA MET B 199 15.83 -3.54 -15.98
C MET B 199 15.78 -5.05 -15.79
N GLN B 200 16.95 -5.69 -15.74
CA GLN B 200 17.03 -7.13 -15.45
C GLN B 200 16.55 -7.49 -14.06
N ARG B 201 16.75 -6.57 -13.11
CA ARG B 201 16.31 -6.78 -11.73
C ARG B 201 14.89 -6.31 -11.44
N THR B 202 14.24 -5.68 -12.41
CA THR B 202 12.87 -5.26 -12.21
C THR B 202 11.96 -6.28 -12.87
N PRO B 203 11.18 -7.03 -12.09
CA PRO B 203 10.25 -8.00 -12.68
C PRO B 203 9.39 -7.45 -13.80
N LEU B 204 8.81 -6.26 -13.61
CA LEU B 204 8.01 -5.66 -14.70
C LEU B 204 8.85 -5.10 -15.85
N ALA B 205 10.17 -5.07 -15.69
CA ALA B 205 11.11 -4.81 -16.78
C ALA B 205 10.89 -3.46 -17.50
N ARG B 206 10.56 -2.43 -16.72
CA ARG B 206 10.39 -1.10 -17.26
C ARG B 206 10.59 -0.09 -16.17
N TRP B 207 10.73 1.17 -16.58
CA TRP B 207 10.69 2.28 -15.65
C TRP B 207 9.31 2.46 -15.11
N GLY B 208 9.24 2.89 -13.85
CA GLY B 208 7.99 3.37 -13.27
C GLY B 208 7.71 4.77 -13.80
N GLU B 209 6.45 5.18 -13.73
CA GLU B 209 6.06 6.51 -14.22
C GLU B 209 5.53 7.34 -13.05
N ALA B 210 5.81 8.65 -13.09
CA ALA B 210 5.42 9.57 -12.02
C ALA B 210 3.93 9.49 -11.63
N PRO B 211 3.04 9.39 -12.62
CA PRO B 211 1.59 9.27 -12.29
C PRO B 211 1.26 8.00 -11.52
N GLU B 212 2.09 6.96 -11.66
CA GLU B 212 1.87 5.71 -10.93
C GLU B 212 2.15 5.88 -9.46
N VAL B 213 3.16 6.66 -9.13
CA VAL B 213 3.39 7.04 -7.72
C VAL B 213 2.22 7.91 -7.26
N ALA B 214 1.78 8.82 -8.11
CA ALA B 214 0.67 9.73 -7.76
C ALA B 214 -0.63 9.03 -7.44
N SER B 215 -0.95 7.97 -8.18
CA SER B 215 -2.18 7.24 -7.91
C SER B 215 -2.15 6.58 -6.53
N ALA B 216 -0.98 6.04 -6.15
CA ALA B 216 -0.79 5.49 -4.82
C ALA B 216 -0.94 6.58 -3.74
N ALA B 217 -0.40 7.76 -4.00
CA ALA B 217 -0.53 8.90 -3.09
C ALA B 217 -2.01 9.26 -2.84
N ALA B 218 -2.80 9.26 -3.91
CA ALA B 218 -4.22 9.59 -3.83
C ALA B 218 -4.98 8.55 -3.00
N PHE B 219 -4.55 7.29 -3.09
CA PHE B 219 -5.16 6.27 -2.26
C PHE B 219 -4.76 6.42 -0.79
N LEU B 220 -3.46 6.52 -0.52
CA LEU B 220 -2.98 6.52 0.87
C LEU B 220 -3.48 7.71 1.69
N CYS B 221 -3.70 8.84 1.04
CA CYS B 221 -4.14 10.06 1.71
C CYS B 221 -5.66 10.23 1.76
N GLY B 222 -6.40 9.19 1.41
CA GLY B 222 -7.86 9.29 1.32
C GLY B 222 -8.54 8.31 2.25
N PRO B 223 -9.87 8.36 2.31
CA PRO B 223 -10.60 7.57 3.30
C PRO B 223 -10.61 6.06 3.07
N GLY B 224 -10.23 5.60 1.89
CA GLY B 224 -10.07 4.17 1.67
C GLY B 224 -8.86 3.57 2.39
N ALA B 225 -7.98 4.45 2.91
CA ALA B 225 -6.79 4.05 3.69
C ALA B 225 -6.90 4.48 5.16
N SER B 226 -8.14 4.50 5.66
CA SER B 226 -8.44 4.95 7.02
C SER B 226 -7.72 4.18 8.12
N PHE B 227 -7.36 2.92 7.87
CA PHE B 227 -6.64 2.13 8.88
C PHE B 227 -5.14 1.96 8.54
N VAL B 228 -4.68 2.73 7.57
CA VAL B 228 -3.30 2.67 7.13
C VAL B 228 -2.52 3.85 7.71
N THR B 229 -1.59 3.57 8.61
CA THR B 229 -0.66 4.57 9.11
C THR B 229 0.66 3.90 9.48
N GLY B 230 1.74 4.62 9.27
CA GLY B 230 3.09 4.09 9.48
C GLY B 230 3.55 3.12 8.39
N ALA B 231 2.80 3.05 7.30
CA ALA B 231 3.06 2.08 6.23
C ALA B 231 4.03 2.67 5.20
N VAL B 232 4.79 1.79 4.56
CA VAL B 232 5.61 2.12 3.41
C VAL B 232 5.16 1.22 2.28
N LEU B 233 4.62 1.81 1.23
CA LEU B 233 4.18 1.06 0.06
C LEU B 233 5.22 1.14 -1.05
N ALA B 234 5.70 -0.02 -1.47
CA ALA B 234 6.62 -0.10 -2.56
C ALA B 234 5.85 0.07 -3.87
N VAL B 235 6.30 1.01 -4.69
CA VAL B 235 5.77 1.21 -6.03
C VAL B 235 6.98 1.11 -6.94
N ASP B 236 7.38 -0.13 -7.24
CA ASP B 236 8.72 -0.39 -7.77
C ASP B 236 8.83 -1.44 -8.84
N GLY B 237 7.71 -1.88 -9.38
CA GLY B 237 7.75 -2.93 -10.41
C GLY B 237 8.33 -4.26 -9.95
N GLY B 238 8.41 -4.46 -8.62
CA GLY B 238 8.95 -5.69 -8.08
C GLY B 238 10.44 -5.65 -7.75
N TYR B 239 11.11 -4.53 -7.95
CA TYR B 239 12.55 -4.42 -7.81
C TYR B 239 13.05 -5.01 -6.47
N LEU B 240 12.39 -4.65 -5.38
CA LEU B 240 12.78 -5.10 -4.05
C LEU B 240 12.81 -6.63 -3.94
N CYS B 241 12.04 -7.33 -4.77
CA CYS B 241 11.88 -8.77 -4.67
C CYS B 241 12.91 -9.60 -5.41
N ALA B 242 13.61 -9.00 -6.37
CA ALA B 242 14.44 -9.77 -7.31
C ALA B 242 15.84 -9.97 -6.77
#